data_4EVS
#
_entry.id   4EVS
#
_cell.length_a   41.911
_cell.length_b   61.907
_cell.length_c   126.267
_cell.angle_alpha   90.00
_cell.angle_beta   90.00
_cell.angle_gamma   90.00
#
_symmetry.space_group_name_H-M   'P 21 21 21'
#
loop_
_entity.id
_entity.type
_entity.pdbx_description
1 polymer 'PUTATIVE ABC TRANSPORTER SUBUNIT, SUBSTRATE-BINDING COMPONENT'
2 non-polymer 'SULFATE ION'
3 non-polymer 'P-HYDROXYBENZOIC ACID'
4 water water
#
_entity_poly.entity_id   1
_entity_poly.type   'polypeptide(L)'
_entity_poly.pdbx_seq_one_letter_code
;SNADTIKVGVIGT(MSE)SGPYALFGQNFK(MSE)GIDAWVAEHGNKVGGHTVEFVYRDEVSPNPAQSKALAQELIVKEK
VQYIAGLYFTPNA(MSE)AVAPLLQEAKVP(MSE)VVLNAATSSITEKSPYIVRTSFT(MSE)FQNTVPAAKVAKQKGAK
KVAIAVSDYGPGIDAETAFKKTFEAEGGSVVEAVR(MSE)PLATTDFGPI(MSE)QRIKDSGAD(MSE)IFTFLPAGPPT
LGFVKAYIDNGLKAAGVKL(MSE)STGDVVTEPDLPNIGDSGIGILSTYHYAVSHDSPENKAFLALLQKGGAKLGDVT
(MSE)TSVAAYDGARLIYK(MSE)IEATGGKQDPEKAIAAVKD(MSE)KWTSPRGPVSIDPTTRHITQSVYLREVEKQDG
KLINKEIETFKDQPDWGLVKQ
;
_entity_poly.pdbx_strand_id   A
#
loop_
_chem_comp.id
_chem_comp.type
_chem_comp.name
_chem_comp.formula
PHB non-polymer 'P-HYDROXYBENZOIC ACID' 'C7 H6 O3'
SO4 non-polymer 'SULFATE ION' 'O4 S -2'
#
# COMPACT_ATOMS: atom_id res chain seq x y z
N ASP A 4 -8.44 -31.80 -2.20
CA ASP A 4 -8.27 -31.47 -0.76
C ASP A 4 -8.59 -29.99 -0.47
N THR A 5 -8.11 -29.50 0.66
CA THR A 5 -8.32 -28.10 1.07
C THR A 5 -6.95 -27.51 1.29
N ILE A 6 -6.74 -26.33 0.72
CA ILE A 6 -5.52 -25.56 0.83
C ILE A 6 -5.84 -24.32 1.60
N LYS A 7 -5.11 -24.13 2.69
CA LYS A 7 -5.32 -22.96 3.54
C LYS A 7 -4.33 -21.85 3.29
N VAL A 8 -4.87 -20.64 3.25
CA VAL A 8 -4.11 -19.42 3.12
C VAL A 8 -4.29 -18.60 4.41
N GLY A 9 -3.18 -18.28 5.04
CA GLY A 9 -3.21 -17.49 6.27
C GLY A 9 -3.02 -16.04 5.99
N VAL A 10 -4.03 -15.25 6.30
CA VAL A 10 -4.00 -13.82 6.04
C VAL A 10 -3.73 -13.09 7.36
N ILE A 11 -2.65 -12.34 7.41
CA ILE A 11 -2.31 -11.52 8.58
C ILE A 11 -2.59 -10.08 8.20
N GLY A 12 -3.45 -9.44 8.96
CA GLY A 12 -3.70 -8.02 8.71
C GLY A 12 -4.31 -7.35 9.91
N THR A 13 -4.47 -6.03 9.85
CA THR A 13 -5.01 -5.29 10.96
C THR A 13 -6.52 -5.36 10.96
N MSE A 14 -7.04 -6.40 11.66
CA MSE A 14 -8.47 -6.73 11.58
C MSE A 14 -9.34 -5.97 12.60
O MSE A 14 -10.56 -5.79 12.36
CB MSE A 14 -8.70 -8.25 11.73
CG MSE A 14 -7.77 -9.16 10.94
SE MSE A 14 -7.83 -8.80 9.03
CE MSE A 14 -9.67 -9.21 8.72
N SER A 15 -8.73 -5.51 13.68
CA SER A 15 -9.37 -4.69 14.70
C SER A 15 -8.39 -3.61 15.09
N GLY A 16 -8.89 -2.65 15.84
CA GLY A 16 -8.11 -1.58 16.40
C GLY A 16 -8.02 -0.40 15.45
N PRO A 17 -7.07 0.49 15.72
CA PRO A 17 -6.97 1.73 15.03
C PRO A 17 -6.88 1.62 13.49
N TYR A 18 -6.25 0.53 13.03
CA TYR A 18 -6.05 0.23 11.62
C TYR A 18 -7.02 -0.78 11.05
N ALA A 19 -8.12 -1.02 11.77
CA ALA A 19 -9.05 -2.09 11.41
C ALA A 19 -9.56 -2.01 9.96
N LEU A 20 -9.72 -0.81 9.45
CA LEU A 20 -10.27 -0.67 8.13
C LEU A 20 -9.39 -1.38 7.10
N PHE A 21 -8.08 -1.32 7.33
CA PHE A 21 -7.13 -1.83 6.34
C PHE A 21 -7.07 -3.33 6.28
N GLY A 22 -7.24 -4.02 7.41
CA GLY A 22 -7.25 -5.47 7.36
C GLY A 22 -8.60 -5.94 6.97
N GLN A 23 -9.64 -5.25 7.39
CA GLN A 23 -10.96 -5.60 6.91
C GLN A 23 -11.05 -5.47 5.41
N ASN A 24 -10.30 -4.53 4.85
CA ASN A 24 -10.27 -4.40 3.39
C ASN A 24 -9.57 -5.60 2.73
N PHE A 25 -8.60 -6.22 3.40
CA PHE A 25 -8.02 -7.44 2.83
C PHE A 25 -9.12 -8.45 2.64
N LYS A 26 -9.92 -8.66 3.68
CA LYS A 26 -11.03 -9.59 3.61
C LYS A 26 -12.02 -9.17 2.53
N MSE A 27 -12.32 -7.88 2.44
CA MSE A 27 -13.28 -7.37 1.42
C MSE A 27 -12.80 -7.73 0.02
O MSE A 27 -13.61 -8.14 -0.83
CB MSE A 27 -13.46 -5.85 1.56
CG MSE A 27 -14.24 -5.41 2.79
SE MSE A 27 -14.09 -3.60 3.24
CE MSE A 27 -13.86 -2.75 1.57
N GLY A 28 -11.50 -7.54 -0.22
CA GLY A 28 -10.95 -7.80 -1.54
C GLY A 28 -10.93 -9.28 -1.89
N ILE A 29 -10.53 -10.11 -0.90
CA ILE A 29 -10.60 -11.56 -1.07
C ILE A 29 -12.04 -12.00 -1.30
N ASP A 30 -12.96 -11.44 -0.54
CA ASP A 30 -14.37 -11.77 -0.72
C ASP A 30 -14.86 -11.38 -2.13
N ALA A 31 -14.39 -10.25 -2.65
CA ALA A 31 -14.72 -9.86 -4.02
C ALA A 31 -14.18 -10.90 -5.03
N TRP A 32 -12.94 -11.29 -4.83
CA TRP A 32 -12.31 -12.29 -5.71
C TRP A 32 -13.13 -13.57 -5.73
N VAL A 33 -13.51 -14.05 -4.53
CA VAL A 33 -14.24 -15.28 -4.42
C VAL A 33 -15.67 -15.13 -4.99
N ALA A 34 -16.28 -13.98 -4.82
CA ALA A 34 -17.61 -13.70 -5.41
C ALA A 34 -17.58 -13.88 -6.93
N GLU A 35 -16.48 -13.47 -7.57
CA GLU A 35 -16.34 -13.63 -9.01
C GLU A 35 -15.77 -14.96 -9.47
N HIS A 36 -14.84 -15.53 -8.69
CA HIS A 36 -14.06 -16.65 -9.16
C HIS A 36 -14.22 -17.94 -8.38
N GLY A 37 -15.03 -17.92 -7.34
CA GLY A 37 -15.28 -19.12 -6.56
C GLY A 37 -14.14 -19.49 -5.62
N ASN A 38 -14.34 -20.58 -4.90
CA ASN A 38 -13.37 -21.06 -3.93
C ASN A 38 -12.64 -22.34 -4.32
N LYS A 39 -12.71 -22.72 -5.60
CA LYS A 39 -11.98 -23.87 -6.13
C LYS A 39 -10.93 -23.51 -7.16
N VAL A 40 -9.83 -24.26 -7.10
CA VAL A 40 -8.91 -24.31 -8.17
C VAL A 40 -8.79 -25.78 -8.50
N GLY A 41 -9.28 -26.14 -9.68
CA GLY A 41 -9.40 -27.53 -10.03
C GLY A 41 -10.22 -28.21 -8.97
N GLY A 42 -9.70 -29.31 -8.44
CA GLY A 42 -10.40 -30.02 -7.36
C GLY A 42 -10.13 -29.54 -5.95
N HIS A 43 -9.29 -28.51 -5.79
CA HIS A 43 -8.88 -28.05 -4.45
C HIS A 43 -9.73 -26.88 -4.01
N THR A 44 -10.21 -26.92 -2.78
CA THR A 44 -10.92 -25.82 -2.21
C THR A 44 -9.88 -24.97 -1.53
N VAL A 45 -9.99 -23.66 -1.67
CA VAL A 45 -9.05 -22.73 -1.05
C VAL A 45 -9.80 -22.04 0.09
N GLU A 46 -9.20 -22.07 1.29
CA GLU A 46 -9.80 -21.48 2.49
C GLU A 46 -8.87 -20.41 3.01
N PHE A 47 -9.41 -19.22 3.22
CA PHE A 47 -8.65 -18.13 3.83
C PHE A 47 -8.97 -18.06 5.32
N VAL A 48 -7.95 -17.96 6.15
CA VAL A 48 -8.12 -17.77 7.58
C VAL A 48 -7.39 -16.49 7.98
N TYR A 49 -7.98 -15.72 8.89
CA TYR A 49 -7.53 -14.40 9.21
C TYR A 49 -6.94 -14.35 10.63
N ARG A 50 -5.85 -13.60 10.76
CA ARG A 50 -5.16 -13.35 12.01
C ARG A 50 -4.88 -11.87 12.17
N ASP A 51 -4.97 -11.38 13.39
CA ASP A 51 -4.98 -9.94 13.66
C ASP A 51 -3.59 -9.39 14.04
N GLU A 52 -3.02 -8.68 13.08
CA GLU A 52 -1.75 -7.98 13.16
C GLU A 52 -1.76 -6.87 14.23
N VAL A 53 -2.91 -6.16 14.35
CA VAL A 53 -3.16 -5.06 15.29
C VAL A 53 -2.32 -3.79 15.11
N SER A 54 -1.00 -3.92 15.19
CA SER A 54 -0.12 -2.76 15.25
C SER A 54 1.25 -3.10 14.67
N PRO A 55 2.14 -2.09 14.50
CA PRO A 55 3.46 -2.37 14.02
C PRO A 55 4.32 -2.97 15.12
N ASN A 56 4.00 -4.21 15.48
CA ASN A 56 4.57 -4.90 16.60
C ASN A 56 4.97 -6.30 16.19
N PRO A 57 6.18 -6.44 15.71
CA PRO A 57 6.53 -7.67 15.01
C PRO A 57 6.41 -8.98 15.80
N ALA A 58 6.57 -8.95 17.14
CA ALA A 58 6.35 -10.15 17.96
C ALA A 58 5.00 -10.79 17.69
N GLN A 59 3.95 -9.99 17.59
CA GLN A 59 2.62 -10.52 17.39
C GLN A 59 2.54 -11.20 16.01
N SER A 60 2.99 -10.52 14.96
CA SER A 60 2.92 -11.08 13.60
C SER A 60 3.79 -12.31 13.41
N LYS A 61 4.99 -12.32 13.95
CA LYS A 61 5.83 -13.50 13.86
C LYS A 61 5.14 -14.71 14.55
N ALA A 62 4.57 -14.52 15.74
CA ALA A 62 3.86 -15.59 16.45
C ALA A 62 2.64 -16.05 15.66
N LEU A 63 1.92 -15.11 15.05
CA LEU A 63 0.79 -15.49 14.19
C LEU A 63 1.21 -16.34 13.00
N ALA A 64 2.31 -15.96 12.35
CA ALA A 64 2.80 -16.73 11.20
C ALA A 64 3.25 -18.14 11.60
N GLN A 65 3.94 -18.23 12.73
CA GLN A 65 4.39 -19.52 13.22
C GLN A 65 3.18 -20.43 13.50
N GLU A 66 2.14 -19.89 14.08
CA GLU A 66 0.92 -20.68 14.39
C GLU A 66 0.26 -21.14 13.07
N LEU A 67 0.22 -20.24 12.09
CA LEU A 67 -0.38 -20.57 10.80
C LEU A 67 0.38 -21.69 10.10
N ILE A 68 1.71 -21.62 10.17
CA ILE A 68 2.54 -22.65 9.60
C ILE A 68 2.38 -23.99 10.35
N VAL A 69 2.50 -23.95 11.68
CA VAL A 69 2.58 -25.18 12.48
C VAL A 69 1.23 -25.84 12.78
N LYS A 70 0.25 -25.03 13.18
N LYS A 70 0.26 -25.04 13.21
CA LYS A 70 -1.02 -25.54 13.64
CA LYS A 70 -1.06 -25.56 13.58
C LYS A 70 -2.12 -25.55 12.53
C LYS A 70 -2.00 -25.64 12.38
N GLU A 71 -2.18 -24.49 11.73
CA GLU A 71 -3.10 -24.45 10.60
C GLU A 71 -2.58 -25.17 9.36
N LYS A 72 -1.27 -25.37 9.29
CA LYS A 72 -0.59 -25.98 8.14
C LYS A 72 -0.98 -25.30 6.81
N VAL A 73 -0.92 -23.96 6.82
CA VAL A 73 -1.15 -23.18 5.57
C VAL A 73 -0.06 -23.48 4.51
N GLN A 74 -0.45 -23.36 3.26
CA GLN A 74 0.45 -23.40 2.12
C GLN A 74 0.91 -22.01 1.67
N TYR A 75 0.17 -20.96 2.04
CA TYR A 75 0.46 -19.59 1.64
C TYR A 75 0.11 -18.68 2.80
N ILE A 76 0.90 -17.61 2.93
CA ILE A 76 0.61 -16.50 3.82
C ILE A 76 0.38 -15.27 2.95
N ALA A 77 -0.52 -14.41 3.37
CA ALA A 77 -0.75 -13.15 2.66
C ALA A 77 -1.06 -12.06 3.65
N GLY A 78 -0.84 -10.84 3.23
CA GLY A 78 -1.23 -9.69 4.01
C GLY A 78 -0.06 -8.81 4.35
N LEU A 79 0.02 -8.51 5.64
CA LEU A 79 1.07 -7.70 6.28
C LEU A 79 0.94 -6.23 5.94
N TYR A 80 0.25 -5.52 6.82
CA TYR A 80 0.01 -4.11 6.66
C TYR A 80 1.33 -3.35 6.86
N PHE A 81 2.07 -3.68 7.92
CA PHE A 81 3.26 -2.91 8.32
C PHE A 81 4.58 -3.55 7.92
N THR A 82 5.49 -2.72 7.43
CA THR A 82 6.82 -3.17 7.04
C THR A 82 7.54 -4.04 8.08
N PRO A 83 7.58 -3.62 9.34
CA PRO A 83 8.34 -4.44 10.30
C PRO A 83 7.75 -5.84 10.54
N ASN A 84 6.44 -5.94 10.38
CA ASN A 84 5.75 -7.23 10.52
C ASN A 84 6.10 -8.14 9.34
N ALA A 85 6.12 -7.57 8.12
CA ALA A 85 6.50 -8.35 6.95
C ALA A 85 7.95 -8.81 7.06
N MSE A 86 8.80 -7.93 7.58
N MSE A 86 8.82 -7.94 7.57
CA MSE A 86 10.20 -8.26 7.74
CA MSE A 86 10.22 -8.28 7.73
C MSE A 86 10.44 -9.40 8.73
C MSE A 86 10.44 -9.41 8.74
O MSE A 86 11.39 -10.16 8.58
O MSE A 86 11.39 -10.18 8.61
CB MSE A 86 10.96 -7.02 8.22
CB MSE A 86 11.00 -7.05 8.17
CG MSE A 86 11.15 -5.95 7.18
CG MSE A 86 11.18 -6.07 7.06
SE MSE A 86 12.25 -6.52 5.68
SE MSE A 86 12.20 -4.52 7.61
CE MSE A 86 12.63 -4.72 4.97
CE MSE A 86 12.72 -3.98 5.81
N ALA A 87 9.60 -9.48 9.77
CA ALA A 87 9.72 -10.51 10.79
C ALA A 87 9.24 -11.85 10.26
N VAL A 88 8.22 -11.84 9.38
CA VAL A 88 7.68 -13.10 8.83
C VAL A 88 8.54 -13.65 7.69
N ALA A 89 9.14 -12.76 6.91
CA ALA A 89 9.90 -13.17 5.71
C ALA A 89 10.92 -14.28 5.92
N PRO A 90 11.72 -14.27 7.01
CA PRO A 90 12.72 -15.33 7.14
C PRO A 90 12.14 -16.71 7.44
N LEU A 91 10.86 -16.79 7.80
CA LEU A 91 10.25 -18.09 8.07
C LEU A 91 9.94 -18.89 6.80
N LEU A 92 9.82 -18.20 5.70
CA LEU A 92 9.11 -18.71 4.54
C LEU A 92 9.83 -19.84 3.83
N GLN A 93 11.13 -19.69 3.56
CA GLN A 93 11.78 -20.69 2.75
C GLN A 93 11.81 -22.02 3.52
N GLU A 94 12.16 -22.03 4.81
N GLU A 94 12.12 -21.92 4.80
CA GLU A 94 12.21 -23.34 5.49
CA GLU A 94 12.21 -23.05 5.68
C GLU A 94 10.81 -23.88 5.74
C GLU A 94 10.89 -23.79 5.83
N ALA A 95 9.80 -23.02 5.85
CA ALA A 95 8.40 -23.52 5.99
C ALA A 95 7.83 -24.00 4.65
N LYS A 96 8.52 -23.69 3.56
CA LYS A 96 8.06 -23.93 2.21
C LYS A 96 6.70 -23.26 1.92
N VAL A 97 6.58 -22.02 2.34
CA VAL A 97 5.34 -21.20 2.24
C VAL A 97 5.63 -19.85 1.65
N PRO A 98 5.03 -19.52 0.51
CA PRO A 98 5.18 -18.18 0.00
C PRO A 98 4.36 -17.18 0.76
N MSE A 99 4.82 -15.92 0.70
CA MSE A 99 4.11 -14.76 1.24
C MSE A 99 3.73 -13.81 0.11
O MSE A 99 4.60 -13.35 -0.64
CB MSE A 99 4.95 -14.04 2.28
CG MSE A 99 4.28 -12.79 2.84
SE MSE A 99 5.16 -11.97 4.37
CE MSE A 99 6.79 -11.42 3.55
N VAL A 100 2.45 -13.51 0.00
CA VAL A 100 1.98 -12.50 -0.93
C VAL A 100 1.71 -11.25 -0.10
N VAL A 101 2.54 -10.23 -0.26
CA VAL A 101 2.46 -9.00 0.52
C VAL A 101 1.40 -8.08 -0.08
N LEU A 102 0.42 -7.71 0.74
CA LEU A 102 -0.73 -6.92 0.29
C LEU A 102 -0.72 -5.48 0.75
N ASN A 103 0.32 -5.08 1.46
CA ASN A 103 0.52 -3.66 1.74
C ASN A 103 1.97 -3.27 1.95
N ALA A 104 2.60 -3.81 3.00
CA ALA A 104 3.94 -3.41 3.47
C ALA A 104 4.82 -3.01 2.26
N ALA A 105 5.27 -1.74 2.27
CA ALA A 105 5.72 -1.04 1.07
C ALA A 105 7.20 -0.70 1.01
N THR A 106 8.01 -1.16 1.99
CA THR A 106 9.45 -0.90 1.93
C THR A 106 10.10 -1.71 0.84
N SER A 107 10.98 -1.06 0.05
CA SER A 107 11.51 -1.73 -1.17
C SER A 107 12.20 -3.05 -0.87
N SER A 108 13.06 -3.05 0.14
CA SER A 108 13.89 -4.21 0.45
C SER A 108 13.15 -5.45 0.92
N ILE A 109 11.86 -5.34 1.20
CA ILE A 109 11.14 -6.53 1.70
C ILE A 109 11.26 -7.73 0.77
N THR A 110 11.11 -7.51 -0.53
CA THR A 110 11.11 -8.63 -1.45
C THR A 110 12.46 -9.35 -1.54
N GLU A 111 13.52 -8.67 -1.16
CA GLU A 111 14.87 -9.23 -1.19
C GLU A 111 15.12 -10.19 -0.06
N LYS A 112 14.22 -10.22 0.93
CA LYS A 112 14.49 -11.01 2.13
C LYS A 112 14.21 -12.47 1.93
N SER A 113 13.48 -12.86 0.89
CA SER A 113 13.18 -14.27 0.66
C SER A 113 12.84 -14.45 -0.81
N PRO A 114 13.20 -15.61 -1.41
CA PRO A 114 12.80 -15.85 -2.79
C PRO A 114 11.29 -16.08 -2.92
N TYR A 115 10.62 -16.36 -1.81
CA TYR A 115 9.21 -16.78 -1.85
C TYR A 115 8.26 -15.65 -1.51
N ILE A 116 8.62 -14.42 -1.84
CA ILE A 116 7.75 -13.26 -1.67
C ILE A 116 7.35 -12.70 -3.01
N VAL A 117 6.06 -12.37 -3.16
CA VAL A 117 5.59 -11.55 -4.29
C VAL A 117 4.71 -10.45 -3.65
N ARG A 118 4.80 -9.21 -4.16
CA ARG A 118 4.07 -8.09 -3.61
C ARG A 118 3.11 -7.49 -4.64
N THR A 119 1.81 -7.43 -4.27
CA THR A 119 0.75 -6.87 -5.11
C THR A 119 0.26 -5.47 -4.66
N SER A 120 0.98 -4.84 -3.73
CA SER A 120 0.58 -3.52 -3.23
C SER A 120 1.33 -2.41 -4.01
N PHE A 121 2.47 -1.96 -3.49
CA PHE A 121 3.20 -0.81 -3.99
C PHE A 121 4.48 -0.68 -3.18
N THR A 122 5.43 0.12 -3.66
CA THR A 122 6.52 0.57 -2.79
C THR A 122 6.50 2.08 -2.64
N MSE A 123 7.18 2.53 -1.60
CA MSE A 123 7.28 3.92 -1.35
C MSE A 123 8.03 4.66 -2.46
O MSE A 123 7.63 5.72 -2.92
CB MSE A 123 7.93 4.17 0.01
CG MSE A 123 7.14 3.60 1.16
SE MSE A 123 5.24 4.08 1.24
CE MSE A 123 5.43 5.98 1.17
N PHE A 124 9.17 4.13 -2.86
CA PHE A 124 9.91 4.72 -3.98
C PHE A 124 9.07 4.79 -5.23
N GLN A 125 8.30 3.73 -5.48
CA GLN A 125 7.45 3.66 -6.67
C GLN A 125 6.50 4.86 -6.73
N ASN A 126 5.81 5.15 -5.60
CA ASN A 126 4.89 6.29 -5.57
C ASN A 126 5.53 7.65 -5.37
N THR A 127 6.69 7.67 -4.71
CA THR A 127 7.31 8.94 -4.33
C THR A 127 8.08 9.60 -5.46
N VAL A 128 8.73 8.81 -6.29
CA VAL A 128 9.49 9.39 -7.41
C VAL A 128 8.54 10.28 -8.27
N PRO A 129 7.35 9.77 -8.66
CA PRO A 129 6.42 10.67 -9.35
C PRO A 129 6.03 11.86 -8.52
N ALA A 130 5.82 11.70 -7.21
CA ALA A 130 5.47 12.83 -6.37
C ALA A 130 6.49 13.95 -6.46
N ALA A 131 7.77 13.58 -6.48
CA ALA A 131 8.83 14.60 -6.56
C ALA A 131 8.89 15.27 -7.95
N LYS A 132 8.60 14.51 -8.99
CA LYS A 132 8.46 15.07 -10.35
C LYS A 132 7.32 16.07 -10.41
N VAL A 133 6.18 15.72 -9.83
CA VAL A 133 5.02 16.59 -9.87
C VAL A 133 5.27 17.82 -9.03
N ALA A 134 5.96 17.64 -7.90
CA ALA A 134 6.24 18.80 -7.03
C ALA A 134 6.92 19.88 -7.84
N LYS A 135 7.92 19.48 -8.63
CA LYS A 135 8.60 20.41 -9.53
C LYS A 135 7.68 21.03 -10.57
N GLN A 136 6.92 20.19 -11.25
CA GLN A 136 5.97 20.63 -12.25
C GLN A 136 4.99 21.65 -11.69
N LYS A 137 4.59 21.50 -10.42
CA LYS A 137 3.61 22.38 -9.81
C LYS A 137 4.25 23.62 -9.20
N GLY A 138 5.54 23.80 -9.41
CA GLY A 138 6.19 25.07 -9.06
C GLY A 138 6.77 25.13 -7.66
N ALA A 139 6.83 24.01 -6.96
CA ALA A 139 7.44 24.01 -5.63
C ALA A 139 8.93 24.35 -5.74
N LYS A 140 9.40 25.16 -4.79
CA LYS A 140 10.79 25.56 -4.70
C LYS A 140 11.47 25.09 -3.42
N LYS A 141 10.78 25.20 -2.28
CA LYS A 141 11.30 24.79 -1.01
C LYS A 141 10.34 23.86 -0.34
N VAL A 142 10.80 22.64 -0.09
CA VAL A 142 9.95 21.59 0.44
C VAL A 142 10.40 21.20 1.85
N ALA A 143 9.43 21.04 2.74
CA ALA A 143 9.64 20.43 4.05
C ALA A 143 9.12 19.00 3.94
N ILE A 144 9.99 18.05 4.28
CA ILE A 144 9.63 16.62 4.32
C ILE A 144 9.36 16.25 5.75
N ALA A 145 8.25 15.57 5.97
CA ALA A 145 7.89 15.02 7.27
C ALA A 145 7.42 13.57 7.04
N VAL A 146 8.15 12.62 7.59
CA VAL A 146 7.83 11.22 7.41
C VAL A 146 7.87 10.46 8.73
N SER A 147 7.08 9.42 8.83
CA SER A 147 7.17 8.54 9.98
C SER A 147 8.54 7.86 10.03
N ASP A 148 9.07 7.74 11.25
CA ASP A 148 10.46 7.26 11.44
C ASP A 148 10.57 5.73 11.48
N TYR A 149 10.30 5.11 10.33
CA TYR A 149 10.52 3.68 10.14
C TYR A 149 10.65 3.40 8.63
N GLY A 150 10.85 2.13 8.28
CA GLY A 150 11.21 1.74 6.95
C GLY A 150 10.62 2.52 5.79
N PRO A 151 9.28 2.56 5.70
CA PRO A 151 8.70 3.14 4.49
C PRO A 151 8.84 4.68 4.48
N GLY A 152 8.82 5.29 5.66
CA GLY A 152 9.03 6.71 5.79
C GLY A 152 10.43 7.10 5.34
N ILE A 153 11.41 6.29 5.79
CA ILE A 153 12.79 6.55 5.37
C ILE A 153 12.95 6.40 3.87
N ASP A 154 12.34 5.36 3.29
CA ASP A 154 12.39 5.20 1.82
C ASP A 154 11.80 6.46 1.14
N ALA A 155 10.65 6.91 1.61
CA ALA A 155 9.96 8.05 0.99
C ALA A 155 10.83 9.30 1.06
N GLU A 156 11.44 9.55 2.20
CA GLU A 156 12.28 10.69 2.35
C GLU A 156 13.45 10.60 1.39
N THR A 157 14.08 9.42 1.32
CA THR A 157 15.27 9.28 0.49
C THR A 157 14.90 9.50 -0.98
N ALA A 158 13.81 8.86 -1.40
CA ALA A 158 13.35 8.98 -2.80
C ALA A 158 13.01 10.43 -3.15
N PHE A 159 12.28 11.11 -2.25
CA PHE A 159 11.89 12.51 -2.53
C PHE A 159 13.08 13.47 -2.60
N LYS A 160 13.98 13.36 -1.65
CA LYS A 160 15.14 14.22 -1.62
C LYS A 160 15.92 14.06 -2.92
N LYS A 161 16.24 12.83 -3.29
CA LYS A 161 17.10 12.61 -4.46
C LYS A 161 16.48 13.20 -5.73
N THR A 162 15.20 12.90 -5.91
CA THR A 162 14.55 13.23 -7.15
C THR A 162 14.30 14.75 -7.23
N PHE A 163 13.80 15.34 -6.14
CA PHE A 163 13.43 16.74 -6.13
C PHE A 163 14.70 17.58 -6.25
N GLU A 164 15.76 17.18 -5.54
CA GLU A 164 17.01 17.97 -5.59
C GLU A 164 17.62 17.92 -6.99
N ALA A 165 17.48 16.79 -7.67
CA ALA A 165 18.03 16.65 -9.02
C ALA A 165 17.33 17.54 -10.02
N GLU A 166 16.06 17.84 -9.75
CA GLU A 166 15.28 18.73 -10.57
C GLU A 166 15.47 20.20 -10.20
N GLY A 167 16.36 20.44 -9.24
CA GLY A 167 16.69 21.81 -8.83
C GLY A 167 15.98 22.37 -7.63
N GLY A 168 15.11 21.56 -7.03
CA GLY A 168 14.40 21.99 -5.85
C GLY A 168 15.25 21.92 -4.60
N SER A 169 14.82 22.64 -3.58
N SER A 169 14.79 22.63 -3.57
CA SER A 169 15.49 22.61 -2.28
CA SER A 169 15.44 22.68 -2.26
C SER A 169 14.60 21.95 -1.24
C SER A 169 14.60 21.99 -1.19
N VAL A 170 15.24 21.11 -0.42
CA VAL A 170 14.60 20.51 0.76
C VAL A 170 15.13 21.33 1.96
N VAL A 171 14.25 22.12 2.57
CA VAL A 171 14.61 23.04 3.63
C VAL A 171 14.45 22.48 5.03
N GLU A 172 13.80 21.33 5.10
CA GLU A 172 13.56 20.66 6.38
C GLU A 172 13.21 19.22 6.12
N ALA A 173 13.74 18.32 6.94
CA ALA A 173 13.41 16.91 6.82
C ALA A 173 13.31 16.36 8.23
N VAL A 174 12.11 15.93 8.63
CA VAL A 174 11.86 15.45 9.96
C VAL A 174 11.31 14.04 9.91
N ARG A 175 11.95 13.18 10.71
CA ARG A 175 11.47 11.83 10.95
C ARG A 175 10.72 11.81 12.26
N MSE A 176 9.40 11.58 12.19
CA MSE A 176 8.50 11.61 13.33
C MSE A 176 8.35 10.22 13.88
O MSE A 176 7.89 9.34 13.16
CB MSE A 176 7.12 12.09 12.88
CG MSE A 176 7.15 13.49 12.31
SE MSE A 176 5.43 14.04 11.53
CE MSE A 176 5.36 12.68 10.11
N PRO A 177 8.65 10.02 15.17
CA PRO A 177 8.39 8.68 15.71
C PRO A 177 6.94 8.25 15.46
N LEU A 178 6.74 6.98 15.22
CA LEU A 178 5.36 6.49 15.06
C LEU A 178 4.45 6.76 16.24
N ALA A 179 5.03 6.89 17.42
CA ALA A 179 4.27 7.26 18.62
C ALA A 179 3.73 8.69 18.61
N THR A 180 4.12 9.48 17.61
CA THR A 180 3.66 10.88 17.54
C THR A 180 2.14 10.99 17.34
N THR A 181 1.48 11.69 18.25
CA THR A 181 0.05 11.98 18.16
C THR A 181 -0.21 13.49 18.15
N ASP A 182 0.71 14.30 18.68
CA ASP A 182 0.56 15.74 18.68
C ASP A 182 1.33 16.34 17.52
N PHE A 183 0.61 16.75 16.48
CA PHE A 183 1.27 17.26 15.25
C PHE A 183 1.41 18.78 15.24
N GLY A 184 0.94 19.42 16.30
CA GLY A 184 1.08 20.88 16.45
C GLY A 184 2.53 21.33 16.34
N PRO A 185 3.43 20.67 17.10
CA PRO A 185 4.82 21.15 17.04
C PRO A 185 5.47 20.98 15.67
N ILE A 186 5.16 19.91 14.92
CA ILE A 186 5.76 19.77 13.59
C ILE A 186 5.23 20.88 12.66
N MSE A 187 3.96 21.25 12.77
CA MSE A 187 3.43 22.31 11.91
C MSE A 187 4.12 23.63 12.18
O MSE A 187 4.39 24.38 11.26
CB MSE A 187 1.92 22.46 12.07
CG MSE A 187 1.16 21.25 11.69
SE MSE A 187 1.63 20.45 9.93
CE MSE A 187 1.14 18.65 10.28
N GLN A 188 4.44 23.88 13.44
CA GLN A 188 5.17 25.09 13.79
C GLN A 188 6.58 25.04 13.17
N ARG A 189 7.26 23.91 13.26
CA ARG A 189 8.59 23.80 12.60
C ARG A 189 8.50 24.01 11.07
N ILE A 190 7.47 23.48 10.45
CA ILE A 190 7.28 23.64 9.01
C ILE A 190 7.02 25.10 8.66
N LYS A 191 6.19 25.77 9.44
CA LYS A 191 5.95 27.20 9.23
C LYS A 191 7.27 27.96 9.30
N ASP A 192 8.01 27.68 10.36
CA ASP A 192 9.32 28.29 10.57
C ASP A 192 10.32 28.06 9.45
N SER A 193 10.24 26.95 8.75
CA SER A 193 11.20 26.60 7.69
C SER A 193 11.12 27.45 6.42
N GLY A 194 9.99 28.11 6.21
CA GLY A 194 9.73 28.81 4.95
C GLY A 194 9.30 27.99 3.76
N ALA A 195 9.10 26.70 3.97
CA ALA A 195 8.68 25.86 2.86
C ALA A 195 7.41 26.36 2.21
N ASP A 196 7.33 26.21 0.89
CA ASP A 196 6.07 26.45 0.15
C ASP A 196 5.24 25.20 -0.12
N MSE A 197 5.83 24.03 0.16
CA MSE A 197 5.15 22.76 0.03
C MSE A 197 5.72 21.78 1.04
O MSE A 197 6.89 21.82 1.38
CB MSE A 197 5.31 22.17 -1.39
CG MSE A 197 4.51 20.89 -1.66
SE MSE A 197 4.69 20.28 -3.51
CE MSE A 197 3.66 21.70 -4.42
N ILE A 198 4.84 20.93 1.53
CA ILE A 198 5.18 19.79 2.38
C ILE A 198 5.07 18.52 1.57
N PHE A 199 6.04 17.63 1.76
CA PHE A 199 5.88 16.24 1.32
C PHE A 199 5.82 15.34 2.55
N THR A 200 4.79 14.53 2.62
CA THR A 200 4.58 13.66 3.79
C THR A 200 4.24 12.23 3.44
N PHE A 201 4.68 11.34 4.33
CA PHE A 201 4.15 9.98 4.44
C PHE A 201 4.03 9.63 5.94
N LEU A 202 2.88 9.08 6.32
CA LEU A 202 2.65 8.32 7.56
C LEU A 202 1.77 7.12 7.15
N PRO A 203 1.80 6.04 7.94
CA PRO A 203 0.93 4.91 7.57
C PRO A 203 -0.54 5.31 7.65
N ALA A 204 -1.33 4.91 6.63
CA ALA A 204 -2.74 5.27 6.57
C ALA A 204 -3.45 4.79 7.83
N GLY A 205 -4.21 5.71 8.42
CA GLY A 205 -4.82 5.48 9.70
C GLY A 205 -4.86 6.73 10.53
N PRO A 206 -5.00 6.54 11.85
CA PRO A 206 -4.96 7.74 12.69
C PRO A 206 -3.79 8.70 12.47
N PRO A 207 -2.59 8.20 12.23
CA PRO A 207 -1.49 9.18 12.02
C PRO A 207 -1.72 10.14 10.83
N THR A 208 -2.20 9.59 9.73
CA THR A 208 -2.42 10.41 8.55
C THR A 208 -3.58 11.39 8.79
N LEU A 209 -4.62 10.95 9.49
CA LEU A 209 -5.77 11.81 9.74
C LEU A 209 -5.31 12.96 10.65
N GLY A 210 -4.53 12.60 11.67
CA GLY A 210 -4.02 13.57 12.62
C GLY A 210 -3.12 14.58 11.96
N PHE A 211 -2.22 14.13 11.10
CA PHE A 211 -1.30 15.05 10.42
C PHE A 211 -2.08 16.04 9.53
N VAL A 212 -2.93 15.54 8.68
CA VAL A 212 -3.67 16.37 7.75
C VAL A 212 -4.55 17.38 8.49
N LYS A 213 -5.26 16.93 9.53
CA LYS A 213 -6.11 17.82 10.28
C LYS A 213 -5.29 18.93 10.92
N ALA A 214 -4.11 18.61 11.44
CA ALA A 214 -3.23 19.66 12.03
C ALA A 214 -2.70 20.62 10.98
N TYR A 215 -2.41 20.13 9.79
CA TYR A 215 -1.88 20.96 8.70
C TYR A 215 -2.95 22.01 8.29
N ILE A 216 -4.20 21.55 8.19
CA ILE A 216 -5.32 22.43 7.89
C ILE A 216 -5.62 23.37 9.07
N ASP A 217 -5.77 22.80 10.27
CA ASP A 217 -6.33 23.58 11.37
C ASP A 217 -5.38 24.59 11.96
N ASN A 218 -4.06 24.37 11.76
CA ASN A 218 -3.04 25.35 12.14
C ASN A 218 -2.74 26.36 11.01
N GLY A 219 -3.52 26.28 9.92
CA GLY A 219 -3.53 27.39 8.94
C GLY A 219 -2.53 27.31 7.83
N LEU A 220 -1.76 26.22 7.77
CA LEU A 220 -0.68 26.16 6.79
C LEU A 220 -1.27 26.16 5.38
N LYS A 221 -2.33 25.38 5.19
CA LYS A 221 -2.92 25.24 3.85
C LYS A 221 -3.44 26.57 3.33
N ALA A 222 -4.13 27.30 4.20
CA ALA A 222 -4.66 28.64 3.87
C ALA A 222 -3.59 29.72 3.70
N ALA A 223 -2.40 29.47 4.24
CA ALA A 223 -1.25 30.33 4.06
C ALA A 223 -0.47 30.00 2.82
N GLY A 224 -0.97 29.08 1.99
CA GLY A 224 -0.33 28.79 0.70
C GLY A 224 0.81 27.78 0.77
N VAL A 225 0.87 27.01 1.87
CA VAL A 225 1.78 25.87 1.95
C VAL A 225 1.02 24.67 1.42
N LYS A 226 1.38 24.25 0.24
CA LYS A 226 0.75 23.12 -0.41
C LYS A 226 1.17 21.78 0.21
N LEU A 227 0.31 20.79 0.05
CA LEU A 227 0.61 19.43 0.45
C LEU A 227 0.68 18.48 -0.71
N MSE A 228 1.82 17.77 -0.77
CA MSE A 228 2.02 16.61 -1.63
C MSE A 228 2.24 15.42 -0.69
O MSE A 228 2.89 15.51 0.36
CB MSE A 228 3.28 16.81 -2.53
CG MSE A 228 3.65 15.58 -3.38
SE MSE A 228 2.28 15.10 -4.70
CE MSE A 228 2.63 16.71 -5.68
N SER A 229 1.69 14.30 -1.08
CA SER A 229 1.80 13.11 -0.27
C SER A 229 1.75 11.92 -1.17
N THR A 230 2.07 10.75 -0.62
CA THR A 230 1.60 9.55 -1.26
C THR A 230 0.12 9.33 -0.84
N GLY A 231 -0.57 8.46 -1.57
CA GLY A 231 -2.01 8.25 -1.36
C GLY A 231 -2.36 7.64 -0.02
N ASP A 232 -1.35 7.12 0.69
CA ASP A 232 -1.49 6.71 2.09
C ASP A 232 -2.13 7.77 2.97
N VAL A 233 -1.90 9.02 2.61
CA VAL A 233 -2.23 10.14 3.46
C VAL A 233 -3.71 10.60 3.27
N VAL A 234 -4.37 10.11 2.21
CA VAL A 234 -5.72 10.58 1.85
C VAL A 234 -6.59 9.42 1.39
N THR A 235 -6.52 8.32 2.14
CA THR A 235 -7.34 7.16 1.80
C THR A 235 -8.84 7.53 1.82
N GLU A 236 -9.59 6.91 0.91
CA GLU A 236 -10.98 7.36 0.67
C GLU A 236 -11.87 7.42 1.91
N PRO A 237 -11.80 6.41 2.76
CA PRO A 237 -12.76 6.46 3.86
C PRO A 237 -12.49 7.58 4.88
N ASP A 238 -11.30 8.16 4.83
CA ASP A 238 -11.03 9.28 5.68
C ASP A 238 -11.32 10.59 5.01
N LEU A 239 -11.62 10.58 3.71
CA LEU A 239 -11.87 11.90 3.05
C LEU A 239 -13.04 12.65 3.73
N PRO A 240 -14.13 11.98 4.14
CA PRO A 240 -15.19 12.75 4.85
C PRO A 240 -14.77 13.30 6.22
N ASN A 241 -13.74 12.72 6.81
CA ASN A 241 -13.24 13.14 8.11
C ASN A 241 -12.26 14.27 7.96
N ILE A 242 -11.46 14.24 6.92
CA ILE A 242 -10.72 15.43 6.54
C ILE A 242 -11.68 16.55 6.21
N GLY A 243 -12.70 16.22 5.44
CA GLY A 243 -13.75 17.12 5.00
C GLY A 243 -13.35 18.03 3.85
N ASP A 244 -14.23 18.96 3.53
CA ASP A 244 -14.02 19.78 2.35
C ASP A 244 -12.78 20.66 2.44
N SER A 245 -12.27 20.90 3.64
CA SER A 245 -10.96 21.56 3.68
C SER A 245 -9.81 20.76 3.06
N GLY A 246 -10.02 19.48 2.83
CA GLY A 246 -9.00 18.69 2.15
C GLY A 246 -8.92 18.93 0.66
N ILE A 247 -9.90 19.62 0.09
CA ILE A 247 -9.98 19.81 -1.33
C ILE A 247 -8.69 20.47 -1.78
N GLY A 248 -8.10 19.91 -2.80
CA GLY A 248 -6.85 20.44 -3.34
C GLY A 248 -5.56 19.74 -2.92
N ILE A 249 -5.64 18.88 -1.91
CA ILE A 249 -4.48 18.11 -1.51
C ILE A 249 -4.10 17.18 -2.65
N LEU A 250 -2.81 17.15 -2.98
CA LEU A 250 -2.25 16.37 -4.08
C LEU A 250 -1.61 15.11 -3.52
N SER A 251 -1.81 14.00 -4.21
CA SER A 251 -1.18 12.72 -3.82
C SER A 251 -0.86 11.89 -5.05
N THR A 252 0.21 11.13 -4.95
CA THR A 252 0.48 10.11 -5.94
C THR A 252 0.18 8.71 -5.38
N TYR A 253 -0.43 7.84 -6.20
CA TYR A 253 -0.77 6.50 -5.76
C TYR A 253 -1.19 5.67 -6.94
N HIS A 254 -1.12 4.38 -6.71
CA HIS A 254 -1.38 3.37 -7.70
C HIS A 254 -2.85 2.98 -7.79
N TYR A 255 -3.68 3.39 -6.81
CA TYR A 255 -5.12 3.04 -6.84
C TYR A 255 -5.97 4.15 -6.27
N ALA A 256 -7.09 4.44 -6.98
CA ALA A 256 -8.17 5.27 -6.47
C ALA A 256 -9.46 4.54 -6.70
N VAL A 257 -10.37 4.63 -5.72
CA VAL A 257 -11.69 4.04 -5.82
C VAL A 257 -12.40 4.63 -7.05
N SER A 258 -12.10 5.91 -7.35
CA SER A 258 -12.67 6.62 -8.49
C SER A 258 -12.08 6.21 -9.85
N HIS A 259 -11.15 5.25 -9.88
CA HIS A 259 -10.52 4.90 -11.16
C HIS A 259 -11.53 4.51 -12.21
N ASP A 260 -11.46 5.11 -13.38
CA ASP A 260 -12.46 4.93 -14.44
C ASP A 260 -11.99 3.87 -15.41
N SER A 261 -12.36 2.62 -15.17
CA SER A 261 -12.11 1.52 -16.11
C SER A 261 -13.18 0.47 -15.90
N PRO A 262 -13.44 -0.37 -16.92
CA PRO A 262 -14.44 -1.43 -16.70
C PRO A 262 -14.05 -2.38 -15.59
N GLU A 263 -12.75 -2.63 -15.47
CA GLU A 263 -12.26 -3.57 -14.46
C GLU A 263 -12.48 -3.02 -13.07
N ASN A 264 -12.30 -1.73 -12.87
CA ASN A 264 -12.60 -1.15 -11.56
C ASN A 264 -14.10 -1.13 -11.26
N LYS A 265 -14.91 -0.86 -12.27
CA LYS A 265 -16.36 -0.86 -12.06
C LYS A 265 -16.80 -2.25 -11.68
N ALA A 266 -16.21 -3.24 -12.33
CA ALA A 266 -16.51 -4.63 -12.00
C ALA A 266 -16.10 -4.98 -10.58
N PHE A 267 -14.91 -4.55 -10.20
CA PHE A 267 -14.36 -4.78 -8.86
C PHE A 267 -15.23 -4.15 -7.78
N LEU A 268 -15.67 -2.93 -8.02
CA LEU A 268 -16.57 -2.27 -7.07
C LEU A 268 -17.87 -3.05 -6.88
N ALA A 269 -18.46 -3.52 -7.98
CA ALA A 269 -19.66 -4.33 -7.88
C ALA A 269 -19.42 -5.61 -7.09
N LEU A 270 -18.26 -6.24 -7.30
CA LEU A 270 -17.93 -7.47 -6.59
C LEU A 270 -17.69 -7.25 -5.09
N LEU A 271 -17.09 -6.10 -4.77
CA LEU A 271 -16.92 -5.69 -3.38
C LEU A 271 -18.29 -5.61 -2.71
N GLN A 272 -19.25 -4.99 -3.39
CA GLN A 272 -20.58 -4.87 -2.84
C GLN A 272 -21.25 -6.25 -2.72
N LYS A 273 -21.10 -7.05 -3.75
CA LYS A 273 -21.67 -8.40 -3.77
C LYS A 273 -21.10 -9.27 -2.65
N GLY A 274 -19.82 -9.07 -2.36
CA GLY A 274 -19.18 -9.83 -1.27
C GLY A 274 -19.54 -9.26 0.11
N GLY A 275 -20.30 -8.17 0.14
CA GLY A 275 -20.82 -7.55 1.38
C GLY A 275 -20.25 -6.22 1.89
N ALA A 276 -19.35 -5.61 1.14
CA ALA A 276 -18.70 -4.37 1.55
C ALA A 276 -19.52 -3.14 1.21
N LYS A 277 -19.29 -2.09 1.99
CA LYS A 277 -19.79 -0.76 1.67
C LYS A 277 -18.76 0.02 0.87
N LEU A 278 -19.17 0.67 -0.23
CA LEU A 278 -18.21 1.38 -1.09
C LEU A 278 -17.44 2.42 -0.31
N GLY A 279 -18.13 3.08 0.62
CA GLY A 279 -17.52 4.07 1.43
C GLY A 279 -16.43 3.60 2.37
N ASP A 280 -16.25 2.29 2.49
CA ASP A 280 -15.22 1.75 3.35
C ASP A 280 -14.05 1.20 2.53
N VAL A 281 -14.15 1.24 1.20
CA VAL A 281 -13.12 0.65 0.31
C VAL A 281 -11.87 1.49 0.23
N THR A 282 -10.74 0.79 0.48
N THR A 282 -10.73 0.84 0.24
CA THR A 282 -9.36 1.33 0.47
CA THR A 282 -9.53 1.56 -0.13
C THR A 282 -8.42 0.58 -0.49
C THR A 282 -8.44 0.60 -0.61
N MSE A 283 -7.21 1.10 -0.68
CA MSE A 283 -6.18 0.45 -1.50
C MSE A 283 -5.87 -0.98 -1.13
O MSE A 283 -5.51 -1.79 -1.99
CB MSE A 283 -4.91 1.28 -1.54
CG MSE A 283 -4.00 1.16 -0.33
SE MSE A 283 -4.80 1.77 1.38
CE MSE A 283 -3.15 1.71 2.44
N THR A 284 -6.01 -1.35 0.16
CA THR A 284 -5.62 -2.71 0.53
C THR A 284 -6.58 -3.75 -0.05
N SER A 285 -7.82 -3.35 -0.40
CA SER A 285 -8.72 -4.27 -1.02
C SER A 285 -8.29 -4.67 -2.43
N VAL A 286 -7.77 -3.74 -3.24
CA VAL A 286 -7.30 -4.10 -4.58
C VAL A 286 -6.01 -4.95 -4.52
N ALA A 287 -5.16 -4.68 -3.55
CA ALA A 287 -3.94 -5.51 -3.39
C ALA A 287 -4.37 -6.94 -3.08
N ALA A 288 -5.39 -7.08 -2.21
CA ALA A 288 -5.89 -8.41 -1.82
C ALA A 288 -6.55 -9.13 -2.97
N TYR A 289 -7.32 -8.40 -3.77
CA TYR A 289 -7.96 -8.99 -4.94
C TYR A 289 -6.92 -9.55 -5.89
N ASP A 290 -5.92 -8.76 -6.24
CA ASP A 290 -4.86 -9.21 -7.11
C ASP A 290 -3.97 -10.25 -6.43
N GLY A 291 -3.82 -10.16 -5.12
CA GLY A 291 -3.10 -11.21 -4.38
C GLY A 291 -3.79 -12.54 -4.49
N ALA A 292 -5.11 -12.59 -4.34
CA ALA A 292 -5.87 -13.80 -4.49
C ALA A 292 -5.69 -14.38 -5.91
N ARG A 293 -5.69 -13.51 -6.91
CA ARG A 293 -5.43 -13.96 -8.28
C ARG A 293 -4.11 -14.72 -8.35
N LEU A 294 -3.06 -14.18 -7.74
CA LEU A 294 -1.75 -14.82 -7.82
C LEU A 294 -1.72 -16.12 -7.01
N ILE A 295 -2.41 -16.17 -5.85
CA ILE A 295 -2.49 -17.40 -5.09
C ILE A 295 -3.22 -18.47 -5.89
N TYR A 296 -4.32 -18.09 -6.54
CA TYR A 296 -5.01 -19.07 -7.38
C TYR A 296 -4.08 -19.62 -8.49
N LYS A 297 -3.33 -18.72 -9.13
CA LYS A 297 -2.39 -19.11 -10.17
C LYS A 297 -1.29 -20.06 -9.64
N MSE A 298 -0.78 -19.75 -8.45
CA MSE A 298 0.22 -20.62 -7.82
C MSE A 298 -0.31 -22.00 -7.52
O MSE A 298 0.37 -22.98 -7.76
CB MSE A 298 0.81 -19.96 -6.58
CG MSE A 298 1.63 -18.75 -6.95
SE MSE A 298 2.70 -18.04 -5.46
CE MSE A 298 1.31 -17.42 -4.45
N ILE A 299 -1.56 -22.07 -7.06
CA ILE A 299 -2.16 -23.38 -6.77
C ILE A 299 -2.39 -24.14 -8.06
N GLU A 300 -2.82 -23.44 -9.11
CA GLU A 300 -3.03 -24.06 -10.42
C GLU A 300 -1.74 -24.66 -10.94
N ALA A 301 -0.68 -23.86 -10.84
CA ALA A 301 0.61 -24.24 -11.40
C ALA A 301 1.26 -25.42 -10.71
N THR A 302 1.00 -25.54 -9.40
CA THR A 302 1.53 -26.63 -8.58
C THR A 302 0.56 -27.80 -8.43
N GLY A 303 -0.66 -27.70 -8.98
CA GLY A 303 -1.63 -28.77 -8.80
C GLY A 303 -2.03 -28.92 -7.34
N GLY A 304 -1.93 -27.86 -6.58
CA GLY A 304 -2.30 -27.93 -5.17
C GLY A 304 -1.23 -28.52 -4.29
N LYS A 305 -0.08 -28.84 -4.86
CA LYS A 305 1.03 -29.41 -4.11
C LYS A 305 1.82 -28.28 -3.48
N GLN A 306 2.34 -28.52 -2.29
CA GLN A 306 3.20 -27.52 -1.63
C GLN A 306 4.55 -27.56 -2.33
N ASP A 307 4.80 -26.56 -3.18
CA ASP A 307 6.01 -26.47 -4.02
C ASP A 307 6.29 -24.99 -4.31
N PRO A 308 6.86 -24.32 -3.32
CA PRO A 308 6.92 -22.86 -3.43
C PRO A 308 7.80 -22.38 -4.57
N GLU A 309 8.85 -23.11 -4.92
CA GLU A 309 9.67 -22.67 -6.05
C GLU A 309 8.87 -22.68 -7.34
N LYS A 310 8.10 -23.74 -7.53
CA LYS A 310 7.26 -23.84 -8.74
C LYS A 310 6.17 -22.75 -8.74
N ALA A 311 5.57 -22.51 -7.58
CA ALA A 311 4.55 -21.51 -7.40
C ALA A 311 5.04 -20.12 -7.78
N ILE A 312 6.16 -19.72 -7.21
CA ILE A 312 6.67 -18.39 -7.48
C ILE A 312 7.05 -18.26 -8.94
N ALA A 313 7.60 -19.33 -9.54
CA ALA A 313 8.01 -19.27 -10.94
C ALA A 313 6.78 -18.96 -11.84
N ALA A 314 5.61 -19.42 -11.45
CA ALA A 314 4.40 -19.23 -12.25
C ALA A 314 3.87 -17.82 -12.26
N VAL A 315 4.29 -16.99 -11.30
CA VAL A 315 3.77 -15.60 -11.22
C VAL A 315 4.79 -14.53 -11.41
N LYS A 316 6.08 -14.88 -11.39
CA LYS A 316 7.09 -13.82 -11.20
C LYS A 316 7.30 -12.93 -12.40
N ASP A 317 6.74 -13.27 -13.56
CA ASP A 317 6.66 -12.29 -14.66
C ASP A 317 5.29 -12.18 -15.32
N MSE A 318 4.26 -12.47 -14.54
N MSE A 318 4.24 -12.50 -14.55
CA MSE A 318 2.88 -12.39 -15.01
CA MSE A 318 2.88 -12.43 -15.08
C MSE A 318 2.45 -10.96 -15.34
C MSE A 318 2.44 -10.97 -15.33
O MSE A 318 2.85 -10.01 -14.67
O MSE A 318 2.85 -10.04 -14.65
CB MSE A 318 1.94 -12.90 -13.94
CB MSE A 318 1.91 -13.08 -14.10
CG MSE A 318 0.88 -13.77 -14.46
CG MSE A 318 0.54 -13.35 -14.62
SE MSE A 318 -0.19 -14.39 -12.97
SE MSE A 318 -0.40 -14.45 -13.29
CE MSE A 318 -1.77 -13.24 -13.20
CE MSE A 318 0.59 -13.88 -11.75
N LYS A 319 1.63 -10.82 -16.37
CA LYS A 319 1.01 -9.56 -16.75
C LYS A 319 -0.50 -9.77 -16.79
N TRP A 320 -1.25 -8.77 -16.32
CA TRP A 320 -2.70 -8.82 -16.31
C TRP A 320 -3.28 -7.41 -16.16
N THR A 321 -4.60 -7.29 -16.18
CA THR A 321 -5.26 -6.04 -15.94
C THR A 321 -5.93 -6.10 -14.58
N SER A 322 -5.48 -5.23 -13.68
CA SER A 322 -6.03 -5.08 -12.34
C SER A 322 -7.13 -4.03 -12.35
N PRO A 323 -8.03 -4.07 -11.35
CA PRO A 323 -8.95 -2.91 -11.18
C PRO A 323 -8.19 -1.57 -11.21
N ARG A 324 -6.93 -1.57 -10.77
CA ARG A 324 -6.18 -0.31 -10.67
C ARG A 324 -5.61 0.20 -12.00
N GLY A 325 -5.55 -0.69 -12.98
CA GLY A 325 -4.82 -0.41 -14.23
C GLY A 325 -4.06 -1.65 -14.71
N PRO A 326 -3.32 -1.53 -15.82
CA PRO A 326 -2.47 -2.61 -16.29
C PRO A 326 -1.29 -2.81 -15.29
N VAL A 327 -0.99 -4.05 -14.99
CA VAL A 327 0.06 -4.40 -14.06
C VAL A 327 0.85 -5.59 -14.55
N SER A 328 2.00 -5.78 -13.93
CA SER A 328 2.78 -6.98 -14.14
C SER A 328 3.69 -7.20 -12.95
N ILE A 329 4.23 -8.40 -12.78
CA ILE A 329 5.31 -8.61 -11.79
C ILE A 329 6.65 -8.49 -12.52
N ASP A 330 7.56 -7.69 -11.96
CA ASP A 330 8.94 -7.60 -12.44
C ASP A 330 9.74 -8.75 -11.85
N PRO A 331 10.24 -9.67 -12.69
CA PRO A 331 10.92 -10.84 -12.08
C PRO A 331 12.19 -10.52 -11.31
N THR A 332 12.78 -9.36 -11.58
CA THR A 332 14.04 -8.99 -10.91
C THR A 332 13.79 -8.59 -9.47
N THR A 333 12.57 -8.17 -9.14
CA THR A 333 12.23 -7.75 -7.77
C THR A 333 11.04 -8.46 -7.13
N ARG A 334 10.26 -9.17 -7.95
CA ARG A 334 9.00 -9.82 -7.50
C ARG A 334 7.98 -8.80 -6.94
N HIS A 335 8.10 -7.57 -7.44
CA HIS A 335 7.21 -6.48 -7.09
C HIS A 335 6.32 -6.11 -8.31
N ILE A 336 5.10 -5.64 -8.02
CA ILE A 336 4.15 -5.24 -9.04
C ILE A 336 4.48 -3.91 -9.70
N THR A 337 4.75 -3.97 -10.99
CA THR A 337 4.92 -2.79 -11.84
C THR A 337 3.53 -2.30 -12.23
N GLN A 338 3.31 -0.99 -12.16
CA GLN A 338 1.98 -0.43 -12.28
C GLN A 338 2.07 1.05 -12.59
N SER A 339 0.97 1.61 -13.07
CA SER A 339 0.89 3.05 -13.15
C SER A 339 0.85 3.67 -11.75
N VAL A 340 1.38 4.87 -11.66
CA VAL A 340 1.24 5.74 -10.49
C VAL A 340 0.53 6.98 -11.01
N TYR A 341 -0.56 7.31 -10.36
CA TYR A 341 -1.40 8.42 -10.77
C TYR A 341 -1.18 9.60 -9.87
N LEU A 342 -1.23 10.79 -10.45
CA LEU A 342 -1.41 11.98 -9.64
C LEU A 342 -2.90 12.18 -9.45
N ARG A 343 -3.28 12.49 -8.21
CA ARG A 343 -4.64 12.78 -7.85
C ARG A 343 -4.73 14.05 -7.04
N GLU A 344 -5.94 14.60 -7.06
CA GLU A 344 -6.28 15.75 -6.26
C GLU A 344 -7.57 15.49 -5.54
N VAL A 345 -7.62 15.83 -4.26
CA VAL A 345 -8.90 15.66 -3.53
C VAL A 345 -9.90 16.69 -4.12
N GLU A 346 -11.07 16.22 -4.57
CA GLU A 346 -12.09 17.06 -5.19
C GLU A 346 -13.44 16.51 -4.90
N LYS A 347 -14.44 17.35 -4.98
CA LYS A 347 -15.82 16.88 -4.98
C LYS A 347 -16.22 16.40 -6.35
N GLN A 348 -16.93 15.29 -6.38
CA GLN A 348 -17.52 14.82 -7.61
C GLN A 348 -18.89 14.25 -7.26
N ASP A 349 -19.94 14.76 -7.91
CA ASP A 349 -21.29 14.30 -7.65
C ASP A 349 -21.59 14.44 -6.15
N GLY A 350 -21.14 15.53 -5.55
CA GLY A 350 -21.37 15.76 -4.13
C GLY A 350 -20.57 14.91 -3.15
N LYS A 351 -19.61 14.11 -3.64
CA LYS A 351 -18.79 13.24 -2.80
C LYS A 351 -17.31 13.61 -2.96
N LEU A 352 -16.55 13.57 -1.89
CA LEU A 352 -15.09 13.74 -2.03
C LEU A 352 -14.44 12.49 -2.57
N ILE A 353 -13.59 12.67 -3.56
CA ILE A 353 -12.82 11.62 -4.18
C ILE A 353 -11.35 12.03 -4.36
N ASN A 354 -10.49 11.06 -4.63
CA ASN A 354 -9.17 11.36 -5.16
C ASN A 354 -9.27 11.27 -6.67
N LYS A 355 -9.41 12.43 -7.30
CA LYS A 355 -9.55 12.47 -8.79
C LYS A 355 -8.23 12.26 -9.48
N GLU A 356 -8.14 11.24 -10.32
CA GLU A 356 -6.93 10.98 -11.07
C GLU A 356 -6.81 11.98 -12.21
N ILE A 357 -5.73 12.76 -12.19
CA ILE A 357 -5.55 13.81 -13.15
C ILE A 357 -4.28 13.67 -14.03
N GLU A 358 -3.42 12.70 -13.73
CA GLU A 358 -2.28 12.39 -14.58
C GLU A 358 -1.85 10.95 -14.29
N THR A 359 -1.30 10.29 -15.30
CA THR A 359 -0.84 8.90 -15.22
C THR A 359 0.65 8.88 -15.51
N PHE A 360 1.39 8.12 -14.71
CA PHE A 360 2.82 7.82 -14.96
C PHE A 360 2.90 6.27 -15.14
N LYS A 361 3.04 5.81 -16.38
CA LYS A 361 2.92 4.40 -16.70
C LYS A 361 4.12 3.60 -16.25
N ASP A 362 3.89 2.32 -15.96
CA ASP A 362 4.94 1.31 -15.91
C ASP A 362 6.05 1.66 -14.91
N GLN A 363 5.66 2.14 -13.74
CA GLN A 363 6.62 2.42 -12.70
C GLN A 363 7.03 1.12 -12.01
N PRO A 364 8.31 0.82 -11.95
CA PRO A 364 8.84 -0.31 -11.20
C PRO A 364 9.11 0.10 -9.77
N ASP A 365 9.76 -0.77 -9.01
CA ASP A 365 10.24 -0.44 -7.70
C ASP A 365 11.53 0.39 -7.86
N TRP A 366 11.41 1.72 -7.89
CA TRP A 366 12.60 2.60 -8.07
C TRP A 366 13.62 2.48 -6.91
N GLY A 367 13.21 1.88 -5.80
CA GLY A 367 14.10 1.63 -4.67
C GLY A 367 15.07 0.50 -4.85
N LEU A 368 14.86 -0.34 -5.86
CA LEU A 368 15.75 -1.47 -6.15
C LEU A 368 16.35 -1.40 -7.55
N VAL A 369 15.61 -0.91 -8.56
CA VAL A 369 16.06 -1.12 -9.94
C VAL A 369 17.29 -0.30 -10.38
N LYS A 370 17.63 0.75 -9.62
N LYS A 370 17.65 0.73 -9.63
CA LYS A 370 18.83 1.56 -9.91
CA LYS A 370 18.86 1.53 -9.94
C LYS A 370 19.95 1.36 -8.89
C LYS A 370 20.07 1.16 -9.09
N GLN A 371 19.86 0.32 -8.06
CA GLN A 371 20.91 0.05 -7.11
C GLN A 371 21.98 -0.79 -7.80
S SO4 B . -2.91 -3.00 21.62
O1 SO4 B . -2.68 -2.47 22.99
O2 SO4 B . -2.36 -4.34 21.46
O3 SO4 B . -4.36 -3.06 21.36
O4 SO4 B . -2.32 -2.13 20.58
S SO4 C . -9.98 -20.00 12.01
O1 SO4 C . -10.71 -20.17 13.26
O2 SO4 C . -8.70 -20.72 12.02
O3 SO4 C . -10.78 -20.58 10.94
O4 SO4 C . -9.77 -18.57 11.75
S SO4 D . -11.35 -10.41 -13.49
O1 SO4 D . -11.15 -10.65 -12.05
O2 SO4 D . -10.14 -10.64 -14.27
O3 SO4 D . -12.34 -11.39 -13.94
O4 SO4 D . -11.79 -9.05 -13.85
S SO4 E . 11.23 -1.04 10.08
O1 SO4 E . 11.19 -0.93 11.58
O2 SO4 E . 12.44 -0.37 9.66
O3 SO4 E . 10.14 -0.35 9.52
O4 SO4 E . 11.19 -2.47 9.67
S SO4 F . 19.29 6.13 7.10
O1 SO4 F . 18.69 6.10 8.43
O2 SO4 F . 20.75 6.14 7.25
O3 SO4 F . 18.85 4.96 6.35
O4 SO4 F . 18.89 7.33 6.37
S SO4 G . -7.05 1.26 -17.39
O1 SO4 G . -5.72 1.70 -17.89
O2 SO4 G . -7.15 1.47 -15.99
O3 SO4 G . -7.06 -0.22 -17.63
O4 SO4 G . -8.12 1.92 -18.14
S SO4 H . 14.48 16.02 14.55
O1 SO4 H . 15.00 17.37 14.39
O2 SO4 H . 15.41 15.24 15.36
O3 SO4 H . 14.33 15.38 13.25
O4 SO4 H . 13.20 16.07 15.23
C1' PHB I . 4.24 0.02 5.79
O1' PHB I . 4.47 -0.13 7.02
O2' PHB I . 5.01 -0.44 4.89
C1 PHB I . 3.07 0.85 5.40
C2 PHB I . 1.98 0.97 6.22
C3 PHB I . 0.93 1.78 5.85
C4 PHB I . 0.90 2.44 4.61
C5 PHB I . 1.98 2.26 3.75
C6 PHB I . 3.06 1.49 4.16
O4 PHB I . -0.17 3.22 4.28
#